data_2QYM
#
_entry.id   2QYM
#
_cell.length_a   74.738
_cell.length_b   74.738
_cell.length_c   275.910
_cell.angle_alpha   90.00
_cell.angle_beta   90.00
_cell.angle_gamma   120.00
#
_symmetry.space_group_name_H-M   'P 61 2 2'
#
loop_
_entity.id
_entity.type
_entity.pdbx_description
1 polymer 'Phosphodiesterase 4C'
2 non-polymer 'ZINC ION'
3 non-polymer 'MAGNESIUM ION'
4 water water
#
_entity_poly.entity_id   1
_entity_poly.type   'polypeptide(L)'
_entity_poly.pdbx_seq_one_letter_code
;TVPRFGVQTDQEEQLAKELEDTNKWGLDVFKVAELSGNRPLTAIIFSIFQERDLLKTFQIPADTLATYLLMLEGHYHANV
AYHNSLHAADVAQSTHVLLATPALEAVFTDLEILAALFASAIHDVDHPGVSNQFLINTNSELALMYNDASVLENHHLAVG
FKLLQAENCDIFQNLSAKQRLSLRRMVIDMVLATDMSKHMNLLADLKTMVETKKVTSLGVLLLDNYSDRIQVLQNLVHCA
DLSNPTKPLPLYRQWTDRIMAEFFQQGDRERESGLDISPMCDKHTASVEKSQVGFIDYIAHPLWETWADLVHPDAQDLLD
TLEDNREWYQSKIPRSPSDLTNPERDGPDRFQFELTLE
;
_entity_poly.pdbx_strand_id   A
#
# COMPACT_ATOMS: atom_id res chain seq x y z
N VAL A 2 5.69 -22.48 11.13
CA VAL A 2 5.34 -21.37 10.19
C VAL A 2 6.40 -21.21 9.11
N PRO A 3 6.01 -21.35 7.83
CA PRO A 3 6.96 -21.22 6.72
C PRO A 3 7.66 -19.85 6.69
N ARG A 4 8.82 -19.82 6.04
CA ARG A 4 9.64 -18.61 5.93
C ARG A 4 8.86 -17.34 5.63
N PHE A 5 7.87 -17.43 4.74
CA PHE A 5 7.06 -16.28 4.40
C PHE A 5 5.58 -16.50 4.67
N GLY A 6 5.29 -17.33 5.68
CA GLY A 6 3.92 -17.61 6.05
C GLY A 6 3.13 -18.44 5.06
N VAL A 7 3.72 -18.69 3.90
CA VAL A 7 3.05 -19.47 2.86
C VAL A 7 3.78 -20.76 2.52
N GLN A 8 3.02 -21.77 2.14
CA GLN A 8 3.57 -23.06 1.77
C GLN A 8 3.71 -23.13 0.25
N THR A 9 4.91 -23.43 -0.23
CA THR A 9 5.15 -23.50 -1.66
C THR A 9 6.29 -24.47 -1.98
N ASP A 10 6.29 -24.98 -3.20
CA ASP A 10 7.32 -25.91 -3.66
C ASP A 10 8.56 -25.16 -4.11
N GLN A 11 8.35 -23.99 -4.70
CA GLN A 11 9.44 -23.18 -5.20
C GLN A 11 9.83 -22.09 -4.19
N GLU A 12 9.89 -22.47 -2.92
CA GLU A 12 10.25 -21.54 -1.87
C GLU A 12 11.61 -20.91 -2.14
N GLU A 13 12.44 -21.65 -2.87
CA GLU A 13 13.78 -21.20 -3.21
C GLU A 13 13.72 -19.97 -4.12
N GLN A 14 12.96 -20.08 -5.22
CA GLN A 14 12.82 -18.98 -6.16
C GLN A 14 12.04 -17.82 -5.55
N LEU A 15 11.11 -18.13 -4.65
CA LEU A 15 10.30 -17.11 -4.01
C LEU A 15 11.20 -16.19 -3.20
N ALA A 16 12.12 -16.77 -2.43
CA ALA A 16 13.03 -16.00 -1.60
C ALA A 16 13.90 -15.08 -2.47
N LYS A 17 14.34 -15.61 -3.61
CA LYS A 17 15.18 -14.83 -4.51
C LYS A 17 14.39 -13.63 -5.05
N GLU A 18 13.15 -13.88 -5.48
CA GLU A 18 12.33 -12.81 -6.00
C GLU A 18 12.08 -11.76 -4.92
N LEU A 19 11.84 -12.21 -3.70
CA LEU A 19 11.58 -11.30 -2.59
C LEU A 19 12.79 -10.48 -2.16
N GLU A 20 13.92 -10.66 -2.85
CA GLU A 20 15.11 -9.90 -2.54
C GLU A 20 14.91 -8.49 -3.11
N ASP A 21 13.89 -8.36 -3.94
CA ASP A 21 13.55 -7.08 -4.56
C ASP A 21 12.43 -6.37 -3.77
N THR A 22 12.14 -6.87 -2.58
CA THR A 22 11.09 -6.28 -1.74
C THR A 22 11.28 -4.78 -1.54
N ASN A 23 12.52 -4.33 -1.47
CA ASN A 23 12.81 -2.91 -1.26
C ASN A 23 12.87 -2.11 -2.56
N LYS A 24 12.60 -2.78 -3.68
CA LYS A 24 12.66 -2.13 -4.98
C LYS A 24 11.31 -1.80 -5.60
N TRP A 25 11.22 -0.63 -6.22
CA TRP A 25 10.00 -0.17 -6.86
C TRP A 25 9.63 -1.10 -8.03
N GLY A 26 10.64 -1.72 -8.64
CA GLY A 26 10.35 -2.60 -9.76
C GLY A 26 10.00 -4.05 -9.45
N LEU A 27 9.76 -4.38 -8.18
CA LEU A 27 9.42 -5.76 -7.81
C LEU A 27 8.39 -6.37 -8.75
N ASP A 28 8.63 -7.62 -9.15
CA ASP A 28 7.69 -8.32 -10.02
C ASP A 28 6.70 -9.06 -9.12
N VAL A 29 5.69 -8.35 -8.64
CA VAL A 29 4.71 -8.96 -7.74
C VAL A 29 3.92 -10.08 -8.40
N PHE A 30 3.79 -10.02 -9.72
CA PHE A 30 3.08 -11.07 -10.44
C PHE A 30 3.86 -12.38 -10.32
N LYS A 31 5.18 -12.28 -10.33
CA LYS A 31 6.05 -13.45 -10.19
C LYS A 31 5.91 -13.99 -8.77
N VAL A 32 5.87 -13.07 -7.80
CA VAL A 32 5.72 -13.45 -6.40
C VAL A 32 4.42 -14.23 -6.21
N ALA A 33 3.37 -13.76 -6.87
CA ALA A 33 2.07 -14.41 -6.78
C ALA A 33 2.17 -15.87 -7.19
N GLU A 34 2.82 -16.13 -8.31
CA GLU A 34 2.98 -17.50 -8.79
C GLU A 34 3.83 -18.37 -7.85
N LEU A 35 4.99 -17.85 -7.48
CA LEU A 35 5.92 -18.57 -6.61
C LEU A 35 5.44 -18.76 -5.17
N SER A 36 4.36 -18.08 -4.79
CA SER A 36 3.84 -18.19 -3.43
C SER A 36 2.59 -19.05 -3.36
N GLY A 37 2.31 -19.78 -4.43
CA GLY A 37 1.13 -20.62 -4.44
C GLY A 37 -0.11 -19.75 -4.50
N ASN A 38 0.03 -18.60 -5.15
CA ASN A 38 -1.05 -17.63 -5.31
C ASN A 38 -1.44 -16.98 -3.99
N ARG A 39 -0.45 -16.67 -3.17
CA ARG A 39 -0.67 -16.01 -1.90
C ARG A 39 0.32 -14.86 -1.77
N PRO A 40 0.26 -13.90 -2.72
CA PRO A 40 1.15 -12.73 -2.74
C PRO A 40 1.08 -11.83 -1.52
N LEU A 41 -0.13 -11.59 -1.02
CA LEU A 41 -0.28 -10.71 0.14
C LEU A 41 0.42 -11.26 1.39
N THR A 42 0.17 -12.53 1.69
CA THR A 42 0.80 -13.14 2.85
C THR A 42 2.32 -13.11 2.71
N ALA A 43 2.82 -13.48 1.55
CA ALA A 43 4.27 -13.49 1.32
C ALA A 43 4.89 -12.10 1.43
N ILE A 44 4.26 -11.13 0.78
CA ILE A 44 4.78 -9.77 0.79
C ILE A 44 4.78 -9.11 2.16
N ILE A 45 3.70 -9.28 2.92
CA ILE A 45 3.64 -8.68 4.24
C ILE A 45 4.72 -9.31 5.13
N PHE A 46 4.89 -10.62 5.05
CA PHE A 46 5.92 -11.27 5.85
C PHE A 46 7.31 -10.75 5.48
N SER A 47 7.56 -10.60 4.17
CA SER A 47 8.85 -10.12 3.71
C SER A 47 9.10 -8.70 4.19
N ILE A 48 8.07 -7.85 4.08
CA ILE A 48 8.18 -6.47 4.54
C ILE A 48 8.40 -6.39 6.05
N PHE A 49 7.53 -7.04 6.81
CA PHE A 49 7.64 -7.02 8.26
C PHE A 49 9.00 -7.52 8.76
N GLN A 50 9.53 -8.57 8.15
CA GLN A 50 10.82 -9.11 8.55
C GLN A 50 11.90 -8.08 8.24
N GLU A 51 11.82 -7.50 7.05
CA GLU A 51 12.76 -6.49 6.60
C GLU A 51 12.81 -5.32 7.57
N ARG A 52 11.65 -4.90 8.06
CA ARG A 52 11.59 -3.78 9.01
C ARG A 52 11.66 -4.24 10.46
N ASP A 53 11.81 -5.56 10.66
CA ASP A 53 11.92 -6.13 12.00
C ASP A 53 10.71 -5.76 12.87
N LEU A 54 9.54 -5.68 12.23
CA LEU A 54 8.31 -5.33 12.92
C LEU A 54 7.74 -6.41 13.84
N LEU A 55 8.01 -7.69 13.54
CA LEU A 55 7.51 -8.75 14.39
C LEU A 55 8.13 -8.64 15.78
N LYS A 56 9.43 -8.39 15.83
CA LYS A 56 10.12 -8.27 17.11
C LYS A 56 9.76 -6.96 17.82
N THR A 57 9.69 -5.87 17.07
CA THR A 57 9.37 -4.57 17.64
C THR A 57 8.02 -4.54 18.36
N PHE A 58 7.01 -5.15 17.76
CA PHE A 58 5.67 -5.17 18.36
C PHE A 58 5.26 -6.54 18.88
N GLN A 59 6.25 -7.43 19.03
CA GLN A 59 6.00 -8.77 19.52
C GLN A 59 4.80 -9.41 18.84
N ILE A 60 4.84 -9.45 17.51
CA ILE A 60 3.77 -10.06 16.74
C ILE A 60 4.14 -11.52 16.55
N PRO A 61 3.36 -12.45 17.12
CA PRO A 61 3.68 -13.88 16.94
C PRO A 61 3.63 -14.24 15.46
N ALA A 62 4.67 -14.93 14.99
CA ALA A 62 4.73 -15.33 13.59
C ALA A 62 3.52 -16.16 13.14
N ASP A 63 3.09 -17.12 13.96
CA ASP A 63 1.95 -17.94 13.59
C ASP A 63 0.67 -17.12 13.55
N THR A 64 0.57 -16.13 14.43
CA THR A 64 -0.60 -15.26 14.48
C THR A 64 -0.67 -14.47 13.17
N LEU A 65 0.46 -13.91 12.77
CA LEU A 65 0.51 -13.13 11.53
C LEU A 65 0.10 -13.99 10.33
N ALA A 66 0.64 -15.21 10.28
CA ALA A 66 0.32 -16.11 9.17
C ALA A 66 -1.18 -16.41 9.14
N THR A 67 -1.76 -16.72 10.30
CA THR A 67 -3.17 -17.04 10.37
C THR A 67 -4.03 -15.84 9.95
N TYR A 68 -3.71 -14.66 10.46
CA TYR A 68 -4.47 -13.47 10.09
C TYR A 68 -4.37 -13.18 8.59
N LEU A 69 -3.16 -13.17 8.07
CA LEU A 69 -2.93 -12.90 6.64
C LEU A 69 -3.61 -13.90 5.73
N LEU A 70 -3.50 -15.19 6.05
CA LEU A 70 -4.14 -16.21 5.23
C LEU A 70 -5.64 -15.95 5.20
N MET A 71 -6.18 -15.54 6.34
CA MET A 71 -7.59 -15.25 6.43
C MET A 71 -7.94 -13.95 5.69
N LEU A 72 -7.08 -12.94 5.82
CA LEU A 72 -7.32 -11.66 5.14
C LEU A 72 -7.27 -11.85 3.62
N GLU A 73 -6.21 -12.49 3.15
CA GLU A 73 -6.03 -12.74 1.73
C GLU A 73 -7.23 -13.53 1.21
N GLY A 74 -7.78 -14.39 2.08
CA GLY A 74 -8.94 -15.18 1.69
C GLY A 74 -10.21 -14.37 1.55
N HIS A 75 -10.22 -13.16 2.11
CA HIS A 75 -11.40 -12.31 2.00
C HIS A 75 -11.37 -11.36 0.81
N TYR A 76 -10.31 -11.47 0.01
CA TYR A 76 -10.22 -10.69 -1.22
C TYR A 76 -10.80 -11.68 -2.24
N HIS A 77 -11.58 -11.18 -3.21
CA HIS A 77 -12.18 -12.07 -4.20
C HIS A 77 -11.25 -12.35 -5.38
N ALA A 78 -10.80 -13.59 -5.50
CA ALA A 78 -9.90 -13.98 -6.58
C ALA A 78 -10.54 -13.80 -7.96
N ASN A 79 -11.86 -13.87 -8.01
CA ASN A 79 -12.59 -13.72 -9.27
C ASN A 79 -12.73 -12.25 -9.69
N VAL A 80 -12.37 -11.34 -8.79
CA VAL A 80 -12.42 -9.91 -9.10
C VAL A 80 -11.04 -9.66 -9.71
N ALA A 81 -11.02 -9.32 -11.00
CA ALA A 81 -9.81 -9.11 -11.77
C ALA A 81 -8.70 -8.20 -11.24
N TYR A 82 -9.05 -7.02 -10.75
CA TYR A 82 -8.02 -6.09 -10.26
C TYR A 82 -8.04 -5.96 -8.74
N HIS A 83 -9.22 -5.68 -8.18
CA HIS A 83 -9.29 -5.51 -6.73
C HIS A 83 -9.29 -6.83 -5.96
N ASN A 84 -8.14 -7.51 -6.00
CA ASN A 84 -7.95 -8.77 -5.30
C ASN A 84 -6.70 -8.66 -4.42
N SER A 85 -6.28 -9.76 -3.81
CA SER A 85 -5.12 -9.73 -2.92
C SER A 85 -3.80 -9.35 -3.59
N LEU A 86 -3.72 -9.49 -4.91
CA LEU A 86 -2.48 -9.12 -5.59
C LEU A 86 -2.34 -7.60 -5.59
N HIS A 87 -3.46 -6.89 -5.76
CA HIS A 87 -3.46 -5.43 -5.74
C HIS A 87 -3.10 -4.98 -4.33
N ALA A 88 -3.63 -5.69 -3.33
CA ALA A 88 -3.35 -5.35 -1.94
C ALA A 88 -1.86 -5.52 -1.65
N ALA A 89 -1.29 -6.63 -2.12
CA ALA A 89 0.13 -6.90 -1.93
C ALA A 89 0.97 -5.81 -2.59
N ASP A 90 0.58 -5.43 -3.81
CA ASP A 90 1.29 -4.39 -4.55
C ASP A 90 1.24 -3.04 -3.83
N VAL A 91 0.08 -2.68 -3.30
CA VAL A 91 -0.04 -1.41 -2.59
C VAL A 91 0.79 -1.41 -1.30
N ALA A 92 0.77 -2.51 -0.57
CA ALA A 92 1.54 -2.62 0.66
C ALA A 92 3.04 -2.49 0.35
N GLN A 93 3.48 -3.18 -0.69
CA GLN A 93 4.89 -3.14 -1.08
C GLN A 93 5.29 -1.75 -1.58
N SER A 94 4.39 -1.08 -2.29
CA SER A 94 4.69 0.26 -2.78
C SER A 94 4.76 1.21 -1.59
N THR A 95 3.87 1.01 -0.62
CA THR A 95 3.87 1.84 0.57
C THR A 95 5.19 1.64 1.30
N HIS A 96 5.66 0.40 1.35
CA HIS A 96 6.92 0.06 2.01
C HIS A 96 8.08 0.85 1.40
N VAL A 97 8.14 0.90 0.07
CA VAL A 97 9.22 1.62 -0.59
C VAL A 97 9.07 3.14 -0.44
N LEU A 98 7.85 3.66 -0.56
CA LEU A 98 7.63 5.09 -0.40
C LEU A 98 8.06 5.57 0.99
N LEU A 99 7.78 4.74 2.00
CA LEU A 99 8.15 5.05 3.37
C LEU A 99 9.66 5.11 3.55
N ALA A 100 10.37 4.31 2.76
CA ALA A 100 11.82 4.26 2.84
C ALA A 100 12.52 5.37 2.06
N THR A 101 11.74 6.26 1.46
CA THR A 101 12.29 7.37 0.69
C THR A 101 13.27 8.19 1.54
N PRO A 102 14.48 8.49 1.01
CA PRO A 102 15.46 9.26 1.77
C PRO A 102 14.93 10.50 2.45
N ALA A 103 14.07 11.25 1.76
CA ALA A 103 13.49 12.47 2.30
C ALA A 103 12.64 12.25 3.56
N LEU A 104 12.19 11.02 3.78
CA LEU A 104 11.36 10.73 4.93
C LEU A 104 12.08 9.97 6.04
N GLU A 105 13.40 9.89 5.95
CA GLU A 105 14.21 9.18 6.94
C GLU A 105 13.96 9.66 8.37
N ALA A 106 13.69 8.70 9.25
CA ALA A 106 13.45 8.99 10.67
C ALA A 106 12.28 9.92 10.97
N VAL A 107 11.41 10.12 9.99
CA VAL A 107 10.27 11.00 10.19
C VAL A 107 9.10 10.32 10.91
N PHE A 108 8.82 9.08 10.53
CA PHE A 108 7.70 8.35 11.12
C PHE A 108 8.09 7.33 12.18
N THR A 109 7.21 7.14 13.16
CA THR A 109 7.45 6.18 14.22
C THR A 109 7.14 4.79 13.70
N ASP A 110 7.58 3.77 14.44
CA ASP A 110 7.34 2.39 14.03
C ASP A 110 5.84 2.11 14.01
N LEU A 111 5.09 2.77 14.89
CA LEU A 111 3.65 2.57 14.94
C LEU A 111 2.97 3.14 13.70
N GLU A 112 3.41 4.31 13.27
CA GLU A 112 2.83 4.95 12.08
C GLU A 112 3.17 4.10 10.85
N ILE A 113 4.36 3.51 10.85
CA ILE A 113 4.78 2.65 9.76
C ILE A 113 3.94 1.38 9.74
N LEU A 114 3.74 0.79 10.93
CA LEU A 114 2.94 -0.42 11.02
C LEU A 114 1.52 -0.13 10.55
N ALA A 115 0.98 1.02 10.94
CA ALA A 115 -0.37 1.40 10.55
C ALA A 115 -0.52 1.57 9.03
N ALA A 116 0.46 2.22 8.42
CA ALA A 116 0.43 2.44 6.97
C ALA A 116 0.48 1.12 6.19
N LEU A 117 1.28 0.18 6.65
CA LEU A 117 1.40 -1.11 5.98
C LEU A 117 0.14 -1.95 6.20
N PHE A 118 -0.41 -1.91 7.41
CA PHE A 118 -1.63 -2.66 7.69
C PHE A 118 -2.77 -2.09 6.87
N ALA A 119 -2.88 -0.76 6.86
CA ALA A 119 -3.92 -0.10 6.09
C ALA A 119 -3.82 -0.53 4.62
N SER A 120 -2.61 -0.53 4.08
CA SER A 120 -2.40 -0.92 2.69
C SER A 120 -2.83 -2.36 2.45
N ALA A 121 -2.54 -3.24 3.41
CA ALA A 121 -2.91 -4.64 3.27
C ALA A 121 -4.42 -4.90 3.23
N ILE A 122 -5.17 -4.18 4.05
CA ILE A 122 -6.62 -4.38 4.11
C ILE A 122 -7.44 -3.35 3.34
N HIS A 123 -6.78 -2.36 2.73
CA HIS A 123 -7.50 -1.29 2.07
C HIS A 123 -8.58 -1.60 1.04
N ASP A 124 -8.55 -2.78 0.42
CA ASP A 124 -9.59 -3.17 -0.55
C ASP A 124 -10.21 -4.53 -0.25
N VAL A 125 -10.02 -5.04 0.97
CA VAL A 125 -10.56 -6.35 1.30
C VAL A 125 -12.09 -6.48 1.10
N ASP A 126 -12.49 -7.61 0.52
CA ASP A 126 -13.89 -7.91 0.22
C ASP A 126 -14.50 -6.97 -0.82
N HIS A 127 -13.66 -6.43 -1.70
CA HIS A 127 -14.13 -5.54 -2.76
C HIS A 127 -14.92 -6.44 -3.72
N PRO A 128 -16.13 -6.03 -4.12
CA PRO A 128 -16.94 -6.85 -5.03
C PRO A 128 -16.70 -6.58 -6.52
N GLY A 129 -15.88 -5.57 -6.81
CA GLY A 129 -15.62 -5.21 -8.20
C GLY A 129 -16.31 -3.90 -8.51
N VAL A 130 -15.63 -3.02 -9.23
CA VAL A 130 -16.19 -1.70 -9.56
C VAL A 130 -17.61 -1.69 -10.15
N SER A 131 -17.96 -2.70 -10.95
CA SER A 131 -19.30 -2.72 -11.53
C SER A 131 -20.34 -3.22 -10.54
N ASN A 132 -19.88 -3.78 -9.43
CA ASN A 132 -20.77 -4.32 -8.40
C ASN A 132 -20.70 -3.53 -7.09
N GLN A 133 -20.05 -2.37 -7.13
CA GLN A 133 -19.90 -1.55 -5.94
C GLN A 133 -21.09 -0.62 -5.71
N ASN A 147 -25.20 5.36 2.46
CA ASN A 147 -24.78 6.79 2.50
C ASN A 147 -23.82 7.11 1.36
N ASP A 148 -23.21 8.28 1.42
CA ASP A 148 -22.25 8.72 0.41
C ASP A 148 -20.93 9.09 1.08
N ALA A 149 -20.73 8.55 2.29
CA ALA A 149 -19.51 8.83 3.05
C ALA A 149 -18.57 7.62 3.09
N SER A 150 -17.85 7.41 2.00
CA SER A 150 -16.90 6.29 1.89
C SER A 150 -17.46 4.99 2.44
N VAL A 151 -18.68 4.66 2.03
CA VAL A 151 -19.32 3.44 2.50
C VAL A 151 -18.47 2.21 2.17
N LEU A 152 -17.92 2.16 0.98
CA LEU A 152 -17.10 1.01 0.60
C LEU A 152 -15.81 0.92 1.39
N GLU A 153 -15.08 2.03 1.49
CA GLU A 153 -13.83 2.02 2.24
C GLU A 153 -14.08 1.71 3.72
N ASN A 154 -15.22 2.14 4.25
CA ASN A 154 -15.53 1.83 5.64
C ASN A 154 -15.81 0.35 5.78
N HIS A 155 -16.30 -0.27 4.71
CA HIS A 155 -16.57 -1.70 4.72
C HIS A 155 -15.23 -2.44 4.72
N HIS A 156 -14.26 -1.93 3.95
CA HIS A 156 -12.94 -2.56 3.90
C HIS A 156 -12.36 -2.56 5.31
N LEU A 157 -12.49 -1.44 6.00
CA LEU A 157 -12.00 -1.31 7.36
C LEU A 157 -12.71 -2.29 8.30
N ALA A 158 -14.03 -2.33 8.22
CA ALA A 158 -14.81 -3.21 9.07
C ALA A 158 -14.33 -4.65 8.93
N VAL A 159 -14.16 -5.10 7.68
CA VAL A 159 -13.70 -6.47 7.44
C VAL A 159 -12.27 -6.68 7.93
N GLY A 160 -11.38 -5.75 7.60
CA GLY A 160 -10.00 -5.88 8.04
C GLY A 160 -9.90 -5.97 9.56
N PHE A 161 -10.72 -5.19 10.26
CA PHE A 161 -10.71 -5.17 11.72
C PHE A 161 -11.37 -6.40 12.34
N LYS A 162 -12.49 -6.84 11.77
CA LYS A 162 -13.20 -7.99 12.33
C LYS A 162 -12.38 -9.27 12.30
N LEU A 163 -11.55 -9.43 11.25
CA LEU A 163 -10.74 -10.63 11.13
C LEU A 163 -9.71 -10.76 12.24
N LEU A 164 -9.36 -9.63 12.86
CA LEU A 164 -8.40 -9.63 13.95
C LEU A 164 -8.98 -10.33 15.18
N GLN A 165 -10.30 -10.46 15.20
CA GLN A 165 -10.99 -11.10 16.32
C GLN A 165 -11.08 -12.62 16.23
N ALA A 166 -10.68 -13.17 15.08
CA ALA A 166 -10.73 -14.62 14.90
C ALA A 166 -9.67 -15.28 15.79
N GLU A 167 -9.82 -16.59 16.01
CA GLU A 167 -8.88 -17.30 16.86
C GLU A 167 -7.43 -17.19 16.37
N ASN A 168 -6.57 -16.73 17.27
CA ASN A 168 -5.14 -16.56 16.98
C ASN A 168 -4.88 -15.67 15.77
N CYS A 169 -5.65 -14.59 15.65
CA CYS A 169 -5.50 -13.66 14.54
C CYS A 169 -5.18 -12.24 14.97
N ASP A 170 -5.19 -11.95 16.27
CA ASP A 170 -4.91 -10.60 16.73
C ASP A 170 -3.42 -10.27 16.74
N ILE A 171 -2.93 -9.78 15.61
CA ILE A 171 -1.52 -9.44 15.47
C ILE A 171 -1.12 -8.25 16.34
N PHE A 172 -2.12 -7.52 16.84
CA PHE A 172 -1.84 -6.35 17.69
C PHE A 172 -2.00 -6.64 19.18
N GLN A 173 -2.12 -7.92 19.53
CA GLN A 173 -2.30 -8.33 20.92
C GLN A 173 -1.28 -7.76 21.88
N ASN A 174 -0.06 -7.52 21.42
CA ASN A 174 0.95 -6.98 22.30
C ASN A 174 1.13 -5.47 22.25
N LEU A 175 0.16 -4.79 21.65
CA LEU A 175 0.19 -3.33 21.59
C LEU A 175 -0.61 -2.84 22.80
N SER A 176 -0.22 -1.70 23.36
CA SER A 176 -0.93 -1.13 24.51
C SER A 176 -2.26 -0.59 24.01
N ALA A 177 -3.17 -0.28 24.94
CA ALA A 177 -4.48 0.25 24.56
C ALA A 177 -4.27 1.57 23.84
N LYS A 178 -3.32 2.34 24.34
CA LYS A 178 -2.98 3.65 23.77
C LYS A 178 -2.51 3.48 22.32
N GLN A 179 -1.66 2.49 22.09
CA GLN A 179 -1.15 2.23 20.75
C GLN A 179 -2.23 1.74 19.81
N ARG A 180 -3.13 0.88 20.31
CA ARG A 180 -4.21 0.37 19.48
C ARG A 180 -5.17 1.48 19.08
N LEU A 181 -5.40 2.43 19.99
CA LEU A 181 -6.30 3.55 19.68
C LEU A 181 -5.66 4.42 18.59
N SER A 182 -4.38 4.70 18.74
CA SER A 182 -3.66 5.52 17.78
C SER A 182 -3.61 4.83 16.42
N LEU A 183 -3.16 3.58 16.40
CA LEU A 183 -3.07 2.84 15.15
C LEU A 183 -4.42 2.70 14.46
N ARG A 184 -5.46 2.39 15.22
CA ARG A 184 -6.79 2.22 14.63
C ARG A 184 -7.21 3.49 13.91
N ARG A 185 -7.01 4.62 14.59
CA ARG A 185 -7.36 5.92 14.03
C ARG A 185 -6.57 6.20 12.75
N MET A 186 -5.27 5.94 12.76
CA MET A 186 -4.44 6.17 11.59
C MET A 186 -4.82 5.25 10.42
N VAL A 187 -5.13 4.00 10.73
CA VAL A 187 -5.52 3.05 9.70
C VAL A 187 -6.80 3.52 9.04
N ILE A 188 -7.77 3.95 9.85
CA ILE A 188 -9.04 4.43 9.30
C ILE A 188 -8.75 5.62 8.38
N ASP A 189 -7.95 6.56 8.86
CA ASP A 189 -7.61 7.74 8.05
C ASP A 189 -6.96 7.37 6.72
N MET A 190 -6.03 6.41 6.75
CA MET A 190 -5.36 6.03 5.51
C MET A 190 -6.23 5.22 4.55
N VAL A 191 -7.07 4.33 5.06
CA VAL A 191 -7.92 3.57 4.16
C VAL A 191 -9.00 4.49 3.56
N LEU A 192 -9.53 5.41 4.36
CA LEU A 192 -10.52 6.34 3.84
C LEU A 192 -9.89 7.23 2.78
N ALA A 193 -8.58 7.43 2.90
CA ALA A 193 -7.85 8.27 1.94
C ALA A 193 -7.69 7.58 0.58
N THR A 194 -8.12 6.32 0.46
CA THR A 194 -8.01 5.63 -0.83
C THR A 194 -9.30 5.79 -1.62
N ASP A 195 -10.28 6.46 -1.02
CA ASP A 195 -11.56 6.73 -1.66
C ASP A 195 -11.30 7.84 -2.68
N MET A 196 -11.47 7.52 -3.95
CA MET A 196 -11.23 8.49 -5.02
C MET A 196 -12.06 9.78 -4.93
N SER A 197 -13.16 9.74 -4.19
CA SER A 197 -13.98 10.94 -4.06
C SER A 197 -13.24 11.95 -3.16
N LYS A 198 -12.18 11.51 -2.49
CA LYS A 198 -11.41 12.40 -1.61
C LYS A 198 -10.12 12.85 -2.30
N HIS A 199 -9.88 12.34 -3.51
CA HIS A 199 -8.68 12.66 -4.26
C HIS A 199 -8.37 14.15 -4.40
N MET A 200 -9.32 14.92 -4.93
CA MET A 200 -9.09 16.35 -5.10
C MET A 200 -8.72 17.10 -3.82
N ASN A 201 -9.44 16.84 -2.73
CA ASN A 201 -9.13 17.51 -1.47
C ASN A 201 -7.79 17.05 -0.91
N LEU A 202 -7.46 15.77 -1.07
CA LEU A 202 -6.18 15.27 -0.57
C LEU A 202 -5.04 15.92 -1.33
N LEU A 203 -5.22 16.07 -2.64
CA LEU A 203 -4.19 16.68 -3.47
C LEU A 203 -3.98 18.12 -3.02
N ALA A 204 -5.06 18.82 -2.69
CA ALA A 204 -4.96 20.20 -2.23
C ALA A 204 -4.13 20.25 -0.95
N ASP A 205 -4.41 19.32 -0.03
CA ASP A 205 -3.66 19.25 1.23
C ASP A 205 -2.18 19.01 0.97
N LEU A 206 -1.89 18.08 0.06
CA LEU A 206 -0.52 17.74 -0.24
C LEU A 206 0.21 18.96 -0.83
N LYS A 207 -0.45 19.68 -1.72
CA LYS A 207 0.17 20.87 -2.31
C LYS A 207 0.51 21.88 -1.23
N THR A 208 -0.33 21.93 -0.19
CA THR A 208 -0.08 22.84 0.91
C THR A 208 1.11 22.35 1.74
N MET A 209 1.25 21.03 1.87
CA MET A 209 2.37 20.47 2.61
C MET A 209 3.66 20.78 1.85
N VAL A 210 3.58 20.76 0.53
CA VAL A 210 4.74 21.05 -0.30
C VAL A 210 5.16 22.50 -0.19
N GLU A 211 4.23 23.43 -0.37
CA GLU A 211 4.55 24.85 -0.30
C GLU A 211 5.12 25.28 1.06
N THR A 212 4.63 24.66 2.14
CA THR A 212 5.09 25.01 3.48
C THR A 212 6.14 24.02 4.00
N LYS A 213 6.69 23.22 3.09
CA LYS A 213 7.69 22.22 3.44
C LYS A 213 8.88 22.81 4.20
N LYS A 214 9.46 22.00 5.09
CA LYS A 214 10.62 22.41 5.87
C LYS A 214 11.56 21.21 6.00
N VAL A 215 12.81 21.38 5.59
CA VAL A 215 13.79 20.30 5.65
C VAL A 215 14.97 20.62 6.56
N THR A 216 15.55 19.58 7.16
CA THR A 216 16.70 19.75 8.04
C THR A 216 17.94 19.94 7.20
N SER A 217 19.08 20.16 7.85
CA SER A 217 20.34 20.35 7.13
C SER A 217 20.69 19.06 6.39
N LEU A 218 20.24 17.93 6.93
CA LEU A 218 20.49 16.63 6.33
C LEU A 218 19.57 16.37 5.15
N GLY A 219 18.71 17.33 4.83
CA GLY A 219 17.80 17.17 3.71
C GLY A 219 16.64 16.23 3.97
N VAL A 220 16.18 16.21 5.22
CA VAL A 220 15.06 15.36 5.61
C VAL A 220 13.85 16.22 5.98
N LEU A 221 12.67 15.80 5.56
CA LEU A 221 11.45 16.55 5.87
C LEU A 221 11.23 16.70 7.36
N LEU A 222 10.65 17.84 7.74
CA LEU A 222 10.36 18.13 9.15
C LEU A 222 8.85 18.12 9.37
N LEU A 223 8.36 17.07 10.00
CA LEU A 223 6.93 16.93 10.29
C LEU A 223 6.75 16.69 11.79
N ASP A 224 7.17 17.66 12.59
CA ASP A 224 7.07 17.54 14.04
C ASP A 224 5.62 17.49 14.54
N ASN A 225 4.70 18.02 13.75
CA ASN A 225 3.30 18.03 14.13
C ASN A 225 2.53 16.86 13.50
N TYR A 226 1.82 16.12 14.34
CA TYR A 226 1.03 14.97 13.87
C TYR A 226 0.06 15.36 12.77
N SER A 227 -0.61 16.50 12.93
CA SER A 227 -1.58 16.98 11.95
C SER A 227 -0.98 16.93 10.55
N ASP A 228 0.31 17.26 10.45
CA ASP A 228 0.99 17.23 9.16
C ASP A 228 1.40 15.81 8.81
N ARG A 229 1.80 15.04 9.83
CA ARG A 229 2.21 13.66 9.61
C ARG A 229 1.11 12.82 8.97
N ILE A 230 -0.11 12.90 9.50
CA ILE A 230 -1.22 12.12 8.97
C ILE A 230 -1.58 12.52 7.54
N GLN A 231 -1.46 13.81 7.23
CA GLN A 231 -1.75 14.26 5.87
C GLN A 231 -0.77 13.61 4.90
N VAL A 232 0.51 13.56 5.27
CA VAL A 232 1.51 12.94 4.40
C VAL A 232 1.27 11.44 4.29
N LEU A 233 0.95 10.79 5.41
CA LEU A 233 0.69 9.35 5.41
C LEU A 233 -0.51 9.00 4.54
N GLN A 234 -1.56 9.80 4.60
CA GLN A 234 -2.75 9.57 3.78
C GLN A 234 -2.40 9.66 2.32
N ASN A 235 -1.65 10.70 1.95
CA ASN A 235 -1.25 10.87 0.57
C ASN A 235 -0.30 9.77 0.12
N LEU A 236 0.55 9.30 1.02
CA LEU A 236 1.50 8.24 0.71
C LEU A 236 0.78 6.95 0.31
N VAL A 237 -0.20 6.54 1.11
CA VAL A 237 -0.95 5.34 0.80
C VAL A 237 -1.83 5.55 -0.45
N HIS A 238 -2.35 6.76 -0.62
CA HIS A 238 -3.17 7.09 -1.79
C HIS A 238 -2.28 6.96 -3.03
N CYS A 239 -1.04 7.46 -2.92
CA CYS A 239 -0.10 7.37 -4.04
C CYS A 239 0.20 5.89 -4.30
N ALA A 240 0.39 5.11 -3.24
CA ALA A 240 0.68 3.69 -3.40
C ALA A 240 -0.45 2.99 -4.16
N ASP A 241 -1.68 3.39 -3.86
CA ASP A 241 -2.88 2.82 -4.50
C ASP A 241 -2.95 3.24 -5.97
N LEU A 242 -2.37 4.40 -6.30
CA LEU A 242 -2.35 4.91 -7.67
C LEU A 242 -0.93 4.86 -8.26
N SER A 243 -0.14 3.88 -7.85
CA SER A 243 1.24 3.80 -8.34
C SER A 243 1.45 3.00 -9.62
N ASN A 244 0.42 2.31 -10.10
CA ASN A 244 0.52 1.50 -11.31
C ASN A 244 1.26 2.17 -12.48
N PRO A 245 0.88 3.42 -12.83
CA PRO A 245 1.55 4.09 -13.95
C PRO A 245 3.01 4.49 -13.75
N THR A 246 3.51 4.39 -12.52
CA THR A 246 4.91 4.73 -12.25
C THR A 246 5.77 3.46 -12.24
N LYS A 247 5.16 2.33 -12.56
CA LYS A 247 5.88 1.06 -12.59
C LYS A 247 6.33 0.77 -14.02
N PRO A 248 7.39 -0.03 -14.19
CA PRO A 248 7.88 -0.37 -15.53
C PRO A 248 6.72 -0.85 -16.42
N LEU A 249 6.72 -0.42 -17.67
CA LEU A 249 5.66 -0.76 -18.62
C LEU A 249 5.14 -2.20 -18.58
N PRO A 250 6.03 -3.19 -18.54
CA PRO A 250 5.55 -4.58 -18.52
C PRO A 250 4.58 -4.82 -17.35
N LEU A 251 4.90 -4.25 -16.20
CA LEU A 251 4.05 -4.40 -15.02
C LEU A 251 2.78 -3.57 -15.20
N TYR A 252 2.93 -2.34 -15.68
CA TYR A 252 1.78 -1.46 -15.90
C TYR A 252 0.77 -2.08 -16.86
N ARG A 253 1.26 -2.69 -17.93
CA ARG A 253 0.35 -3.31 -18.90
C ARG A 253 -0.45 -4.44 -18.27
N GLN A 254 0.15 -5.18 -17.34
CA GLN A 254 -0.55 -6.27 -16.69
C GLN A 254 -1.63 -5.72 -15.75
N TRP A 255 -1.31 -4.62 -15.05
CA TRP A 255 -2.30 -4.01 -14.15
C TRP A 255 -3.44 -3.49 -15.00
N THR A 256 -3.10 -2.84 -16.11
CA THR A 256 -4.08 -2.30 -17.03
C THR A 256 -5.00 -3.39 -17.56
N ASP A 257 -4.43 -4.55 -17.90
CA ASP A 257 -5.23 -5.65 -18.42
C ASP A 257 -6.22 -6.16 -17.37
N ARG A 258 -5.81 -6.12 -16.09
CA ARG A 258 -6.68 -6.56 -15.02
C ARG A 258 -7.80 -5.56 -14.80
N ILE A 259 -7.46 -4.28 -14.82
CA ILE A 259 -8.45 -3.22 -14.64
C ILE A 259 -9.50 -3.31 -15.74
N MET A 260 -9.08 -3.53 -16.98
CA MET A 260 -10.05 -3.62 -18.06
C MET A 260 -10.99 -4.81 -17.89
N ALA A 261 -10.48 -5.93 -17.39
CA ALA A 261 -11.34 -7.09 -17.17
C ALA A 261 -12.41 -6.77 -16.13
N GLU A 262 -12.01 -6.12 -15.04
CA GLU A 262 -12.97 -5.78 -13.99
C GLU A 262 -13.97 -4.74 -14.50
N PHE A 263 -13.48 -3.84 -15.34
CA PHE A 263 -14.30 -2.78 -15.95
C PHE A 263 -15.42 -3.39 -16.79
N PHE A 264 -15.11 -4.48 -17.48
CA PHE A 264 -16.10 -5.15 -18.33
C PHE A 264 -16.84 -6.31 -17.67
N GLN A 265 -16.48 -6.65 -16.44
CA GLN A 265 -17.14 -7.75 -15.74
C GLN A 265 -18.62 -7.41 -15.54
N GLN A 266 -19.48 -8.13 -16.25
CA GLN A 266 -20.93 -7.93 -16.18
C GLN A 266 -21.30 -6.48 -15.86
N GLN A 292 -9.41 17.71 -19.88
CA GLN A 292 -10.39 16.83 -20.58
C GLN A 292 -10.37 15.40 -20.03
N VAL A 293 -9.88 14.45 -20.82
CA VAL A 293 -9.87 13.05 -20.40
C VAL A 293 -8.53 12.31 -20.47
N GLY A 294 -8.33 11.38 -19.54
CA GLY A 294 -7.11 10.60 -19.50
C GLY A 294 -6.63 10.31 -18.08
N PHE A 295 -6.35 9.05 -17.78
CA PHE A 295 -5.89 8.66 -16.45
C PHE A 295 -4.53 9.26 -16.08
N ILE A 296 -3.52 9.06 -16.93
CA ILE A 296 -2.20 9.60 -16.62
C ILE A 296 -2.21 11.12 -16.56
N ASP A 297 -2.78 11.76 -17.57
CA ASP A 297 -2.80 13.22 -17.62
C ASP A 297 -3.57 13.92 -16.52
N TYR A 298 -4.75 13.42 -16.18
CA TYR A 298 -5.57 14.10 -15.18
C TYR A 298 -5.65 13.55 -13.78
N ILE A 299 -5.19 12.32 -13.58
CA ILE A 299 -5.23 11.75 -12.24
C ILE A 299 -3.83 11.45 -11.70
N ALA A 300 -3.10 10.60 -12.42
CA ALA A 300 -1.76 10.21 -12.00
C ALA A 300 -0.70 11.32 -12.02
N HIS A 301 -0.62 12.08 -13.11
CA HIS A 301 0.41 13.11 -13.14
C HIS A 301 0.29 14.21 -12.09
N PRO A 302 -0.88 14.88 -11.99
CA PRO A 302 -1.01 15.92 -10.98
C PRO A 302 -0.64 15.46 -9.59
N LEU A 303 -0.98 14.22 -9.26
CA LEU A 303 -0.67 13.66 -7.95
C LEU A 303 0.80 13.32 -7.77
N TRP A 304 1.35 12.55 -8.71
CA TRP A 304 2.76 12.17 -8.61
C TRP A 304 3.73 13.35 -8.73
N GLU A 305 3.35 14.36 -9.49
CA GLU A 305 4.24 15.53 -9.62
C GLU A 305 4.32 16.22 -8.27
N THR A 306 3.18 16.30 -7.59
CA THR A 306 3.13 16.95 -6.27
C THR A 306 3.93 16.15 -5.25
N TRP A 307 3.79 14.83 -5.29
CA TRP A 307 4.53 13.98 -4.37
C TRP A 307 6.02 14.15 -4.66
N ALA A 308 6.36 14.21 -5.95
CA ALA A 308 7.75 14.35 -6.36
C ALA A 308 8.34 15.65 -5.80
N ASP A 309 7.53 16.70 -5.75
CA ASP A 309 8.01 17.97 -5.21
C ASP A 309 8.28 17.82 -3.71
N LEU A 310 7.44 17.07 -3.02
CA LEU A 310 7.60 16.87 -1.59
C LEU A 310 8.92 16.19 -1.23
N VAL A 311 9.33 15.21 -2.02
CA VAL A 311 10.54 14.47 -1.72
C VAL A 311 11.69 14.64 -2.70
N HIS A 312 11.64 15.68 -3.54
CA HIS A 312 12.70 15.88 -4.54
C HIS A 312 14.09 15.75 -3.92
N PRO A 313 15.00 15.06 -4.60
CA PRO A 313 14.86 14.39 -5.91
C PRO A 313 14.49 12.90 -5.86
N ASP A 314 14.07 12.42 -4.70
CA ASP A 314 13.76 10.99 -4.53
C ASP A 314 12.83 10.30 -5.52
N ALA A 315 11.79 10.98 -5.97
CA ALA A 315 10.83 10.35 -6.87
C ALA A 315 10.89 10.71 -8.35
N GLN A 316 11.95 11.38 -8.79
CA GLN A 316 12.04 11.75 -10.20
C GLN A 316 11.98 10.52 -11.11
N ASP A 317 12.58 9.42 -10.69
CA ASP A 317 12.57 8.19 -11.48
C ASP A 317 11.12 7.76 -11.79
N LEU A 318 10.24 7.94 -10.81
CA LEU A 318 8.83 7.58 -10.99
C LEU A 318 8.17 8.45 -12.06
N LEU A 319 8.49 9.73 -12.06
CA LEU A 319 7.94 10.63 -13.06
C LEU A 319 8.49 10.27 -14.43
N ASP A 320 9.78 9.93 -14.49
CA ASP A 320 10.40 9.55 -15.77
C ASP A 320 9.71 8.31 -16.32
N THR A 321 9.38 7.37 -15.43
CA THR A 321 8.71 6.15 -15.86
C THR A 321 7.29 6.49 -16.31
N LEU A 322 6.62 7.36 -15.54
CA LEU A 322 5.27 7.79 -15.89
C LEU A 322 5.30 8.42 -17.27
N GLU A 323 6.29 9.28 -17.50
CA GLU A 323 6.44 9.93 -18.81
C GLU A 323 6.62 8.90 -19.91
N ASP A 324 7.43 7.88 -19.65
CA ASP A 324 7.65 6.83 -20.64
C ASP A 324 6.33 6.10 -20.94
N ASN A 325 5.59 5.76 -19.90
CA ASN A 325 4.31 5.06 -20.09
C ASN A 325 3.25 5.92 -20.78
N ARG A 326 3.43 7.24 -20.74
CA ARG A 326 2.50 8.20 -21.36
C ARG A 326 2.77 8.40 -22.85
N GLU A 327 3.86 7.84 -23.35
CA GLU A 327 4.21 7.94 -24.77
C GLU A 327 3.55 6.79 -25.53
N TRP A 328 2.35 7.03 -26.01
CA TRP A 328 1.56 6.05 -26.75
C TRP A 328 2.30 5.41 -27.93
N TYR A 329 3.08 6.21 -28.64
CA TYR A 329 3.82 5.74 -29.81
C TYR A 329 5.26 5.34 -29.53
N GLN A 330 5.60 5.17 -28.26
CA GLN A 330 6.96 4.77 -27.89
C GLN A 330 6.98 3.31 -27.49
#